data_6Y8P
#
_entry.id   6Y8P
#
_cell.length_a   65.515
_cell.length_b   65.515
_cell.length_c   97.067
_cell.angle_alpha   90.000
_cell.angle_beta   90.000
_cell.angle_gamma   120.000
#
_symmetry.space_group_name_H-M   'P 32 2 1'
#
loop_
_entity.id
_entity.type
_entity.pdbx_description
1 polymer 'O6-alkylguanine-DNA alkyltransferase mutant'
2 non-polymer 'ZINC ION'
3 non-polymer [9-[2-carboxy-5-[(4-methylphenyl)methylcarbamoyl]phenyl]-6-(dimethylamino)xanthen-3-ylidene]-dimethyl-azanium
4 non-polymer 1,2-ETHANEDIOL
5 water water
#
_entity_poly.entity_id   1
_entity_poly.type   'polypeptide(L)'
_entity_poly.pdbx_seq_one_letter_code
;GDCEMKRTTLDSPLGKLELSGCEQGLHEIIFLGKGTSAADAVEVPAPAAVLGGPEPLMQATAWLNAYFHQPEAIEEFPVP
ALHHPVFQQESFTRQVLWKLLKVVKFGEVISYSHLAALAGNPAATAAVKTALSGNPVPILIPCHRVVQGDLDVGGYEGGL
AVKEWLLAHEGHRLGKR
;
_entity_poly.pdbx_strand_id   A
#
# COMPACT_ATOMS: atom_id res chain seq x y z
N ASP A 2 0.53 -7.33 -20.74
CA ASP A 2 1.52 -7.72 -21.74
C ASP A 2 2.49 -6.59 -21.96
N CYS A 3 3.02 -6.16 -20.83
CA CYS A 3 3.97 -5.06 -20.73
C CYS A 3 5.40 -5.58 -20.73
N GLU A 4 6.32 -4.67 -20.99
CA GLU A 4 7.76 -4.95 -20.93
C GLU A 4 8.33 -4.08 -19.83
N MET A 5 8.96 -4.72 -18.83
CA MET A 5 9.27 -4.03 -17.59
C MET A 5 10.69 -4.27 -17.10
N LYS A 6 11.18 -3.30 -16.34
CA LYS A 6 12.45 -3.31 -15.65
C LYS A 6 12.22 -3.68 -14.18
N ARG A 7 13.30 -4.04 -13.49
CA ARG A 7 13.22 -4.44 -12.10
C ARG A 7 14.36 -3.82 -11.29
N THR A 8 13.99 -3.16 -10.21
CA THR A 8 14.90 -2.57 -9.24
C THR A 8 14.76 -3.33 -7.92
N THR A 9 15.74 -3.13 -7.03
CA THR A 9 15.71 -3.76 -5.71
C THR A 9 16.23 -2.77 -4.68
N LEU A 10 15.91 -3.02 -3.40
CA LEU A 10 16.32 -2.08 -2.36
C LEU A 10 16.20 -2.69 -0.97
N ASP A 11 17.06 -2.22 -0.07
CA ASP A 11 17.08 -2.65 1.33
C ASP A 11 16.06 -1.88 2.15
N SER A 12 15.43 -2.57 3.10
CA SER A 12 14.38 -1.99 3.91
C SER A 12 14.46 -2.58 5.30
N PRO A 13 13.92 -1.87 6.31
CA PRO A 13 13.79 -2.49 7.64
C PRO A 13 12.97 -3.76 7.63
N LEU A 14 12.34 -4.11 6.51
CA LEU A 14 11.55 -5.33 6.38
C LEU A 14 12.12 -6.27 5.33
N GLY A 15 13.42 -6.21 5.09
CA GLY A 15 14.06 -7.04 4.10
C GLY A 15 14.24 -6.29 2.80
N LYS A 16 14.47 -7.06 1.73
CA LYS A 16 14.74 -6.49 0.43
C LYS A 16 13.47 -6.51 -0.44
N LEU A 17 13.31 -5.46 -1.23
CA LEU A 17 12.05 -5.12 -1.88
C LEU A 17 12.23 -5.04 -3.38
N GLU A 18 11.68 -6.01 -4.11
CA GLU A 18 11.73 -5.97 -5.56
C GLU A 18 10.63 -5.07 -6.11
N LEU A 19 11.03 -4.09 -6.92
CA LEU A 19 10.11 -3.20 -7.60
C LEU A 19 10.10 -3.55 -9.09
N SER A 20 8.91 -3.71 -9.65
CA SER A 20 8.75 -4.05 -11.06
C SER A 20 7.85 -3.03 -11.72
N GLY A 21 8.20 -2.62 -12.94
CA GLY A 21 7.42 -1.61 -13.60
C GLY A 21 7.85 -1.27 -15.01
N CYS A 22 6.88 -0.87 -15.85
CA CYS A 22 7.12 -0.55 -17.25
C CYS A 22 7.48 0.92 -17.36
N GLU A 23 7.34 1.48 -18.56
CA GLU A 23 7.51 2.91 -18.75
C GLU A 23 6.27 3.66 -18.28
N GLN A 24 5.08 3.10 -18.56
CA GLN A 24 3.82 3.77 -18.22
C GLN A 24 3.57 3.83 -16.71
N GLY A 25 4.19 2.93 -15.93
CA GLY A 25 4.03 2.98 -14.49
C GLY A 25 4.47 1.76 -13.72
N LEU A 26 4.66 1.94 -12.41
CA LEU A 26 5.05 0.86 -11.52
C LEU A 26 3.96 -0.21 -11.43
N HIS A 27 4.37 -1.47 -11.53
CA HIS A 27 3.41 -2.59 -11.46
C HIS A 27 3.28 -3.08 -10.02
N GLU A 28 4.36 -3.64 -9.47
CA GLU A 28 4.28 -4.34 -8.20
C GLU A 28 5.40 -3.90 -7.28
N ILE A 29 5.24 -4.28 -6.01
CA ILE A 29 6.23 -4.13 -4.96
C ILE A 29 6.21 -5.43 -4.15
N ILE A 30 7.28 -6.22 -4.24
CA ILE A 30 7.32 -7.52 -3.57
C ILE A 30 8.31 -7.46 -2.41
N PHE A 31 8.02 -8.24 -1.38
CA PHE A 31 8.90 -8.41 -0.23
C PHE A 31 9.45 -9.82 -0.26
N LEU A 32 10.78 -9.93 -0.19
CA LEU A 32 11.45 -11.21 -0.04
C LEU A 32 11.98 -11.37 1.38
N GLY A 33 12.89 -10.50 1.82
CA GLY A 33 13.37 -10.47 3.19
C GLY A 33 13.71 -11.80 3.83
N LYS A 34 13.25 -12.00 5.07
CA LYS A 34 13.52 -13.22 5.82
C LYS A 34 14.99 -13.58 5.77
N GLY A 53 16.00 3.48 -12.42
CA GLY A 53 16.16 3.75 -13.84
C GLY A 53 15.08 4.63 -14.42
N PRO A 54 14.02 4.02 -14.98
CA PRO A 54 12.92 4.81 -15.52
C PRO A 54 12.21 5.61 -14.45
N GLU A 55 11.44 6.62 -14.88
CA GLU A 55 10.89 7.59 -13.94
C GLU A 55 9.97 6.96 -12.91
N PRO A 56 8.96 6.15 -13.28
CA PRO A 56 8.08 5.59 -12.24
C PRO A 56 8.84 4.90 -11.12
N LEU A 57 9.70 3.94 -11.44
CA LEU A 57 10.44 3.23 -10.40
C LEU A 57 11.51 4.10 -9.76
N MET A 58 11.97 5.15 -10.44
CA MET A 58 12.82 6.11 -9.77
C MET A 58 12.08 6.84 -8.66
N GLN A 59 10.82 7.20 -8.92
CA GLN A 59 10.01 7.87 -7.91
C GLN A 59 9.56 6.90 -6.83
N ALA A 60 9.42 5.62 -7.18
CA ALA A 60 9.07 4.62 -6.17
C ALA A 60 10.20 4.45 -5.17
N THR A 61 11.41 4.17 -5.65
CA THR A 61 12.53 3.99 -4.74
C THR A 61 12.73 5.21 -3.86
N ALA A 62 12.50 6.40 -4.42
CA ALA A 62 12.64 7.62 -3.63
C ALA A 62 11.57 7.69 -2.55
N TRP A 63 10.32 7.43 -2.93
CA TRP A 63 9.23 7.51 -1.97
C TRP A 63 9.42 6.54 -0.82
N LEU A 64 9.78 5.30 -1.14
CA LEU A 64 9.86 4.27 -0.11
C LEU A 64 10.93 4.60 0.93
N ASN A 65 12.05 5.18 0.51
CA ASN A 65 13.05 5.58 1.50
C ASN A 65 12.60 6.82 2.25
N ALA A 66 11.88 7.71 1.57
CA ALA A 66 11.23 8.80 2.30
C ALA A 66 10.34 8.23 3.40
N TYR A 67 9.68 7.11 3.14
CA TYR A 67 8.73 6.56 4.10
C TYR A 67 9.43 6.01 5.34
N PHE A 68 10.45 5.17 5.13
CA PHE A 68 11.09 4.51 6.26
C PHE A 68 12.00 5.45 7.04
N HIS A 69 12.78 6.27 6.35
CA HIS A 69 13.89 6.95 6.99
C HIS A 69 13.66 8.43 7.24
N GLN A 70 12.88 9.11 6.40
N GLN A 70 12.87 9.10 6.41
CA GLN A 70 12.54 10.53 6.60
CA GLN A 70 12.55 10.53 6.58
C GLN A 70 11.05 10.73 6.45
C GLN A 70 11.04 10.74 6.46
N PRO A 71 10.24 10.08 7.31
CA PRO A 71 8.79 10.20 7.20
C PRO A 71 8.26 11.58 7.51
N GLU A 72 9.10 12.49 8.03
CA GLU A 72 8.63 13.83 8.36
C GLU A 72 7.85 14.45 7.22
N ALA A 73 8.35 14.30 5.99
CA ALA A 73 7.80 14.96 4.82
C ALA A 73 7.49 13.94 3.73
N ILE A 74 7.02 12.76 4.15
CA ILE A 74 6.61 11.75 3.20
C ILE A 74 5.67 12.34 2.15
N GLU A 75 4.83 13.29 2.54
CA GLU A 75 3.86 13.88 1.64
C GLU A 75 4.50 14.78 0.58
N GLU A 76 5.79 15.03 0.68
CA GLU A 76 6.48 15.87 -0.30
C GLU A 76 7.08 15.06 -1.44
N PHE A 77 7.28 13.77 -1.26
CA PHE A 77 7.72 12.94 -2.37
C PHE A 77 6.53 12.62 -3.27
N PRO A 78 6.73 12.58 -4.59
CA PRO A 78 5.61 12.32 -5.49
C PRO A 78 5.33 10.84 -5.64
N VAL A 79 4.07 10.55 -5.91
CA VAL A 79 3.60 9.17 -6.02
C VAL A 79 3.80 8.69 -7.45
N PRO A 80 4.48 7.57 -7.69
CA PRO A 80 4.64 7.10 -9.07
C PRO A 80 3.31 6.75 -9.70
N ALA A 81 3.22 6.98 -11.01
CA ALA A 81 2.12 6.41 -11.77
C ALA A 81 2.12 4.90 -11.60
N LEU A 82 0.95 4.30 -11.67
CA LEU A 82 0.78 2.86 -11.48
C LEU A 82 0.16 2.24 -12.73
N HIS A 83 0.77 1.16 -13.22
CA HIS A 83 0.29 0.51 -14.44
C HIS A 83 0.13 -0.98 -14.24
N HIS A 84 -0.15 -1.43 -13.02
CA HIS A 84 -0.62 -2.78 -12.90
C HIS A 84 -1.95 -2.90 -13.62
N PRO A 85 -2.28 -4.07 -14.16
CA PRO A 85 -3.58 -4.23 -14.82
C PRO A 85 -4.77 -3.78 -13.97
N VAL A 86 -4.73 -3.94 -12.64
CA VAL A 86 -5.91 -3.66 -11.85
C VAL A 86 -6.34 -2.21 -12.02
N PHE A 87 -5.39 -1.31 -12.27
CA PHE A 87 -5.69 0.10 -12.42
C PHE A 87 -6.04 0.49 -13.84
N GLN A 88 -5.96 -0.44 -14.79
CA GLN A 88 -6.16 -0.08 -16.20
C GLN A 88 -7.63 0.20 -16.49
N GLN A 89 -8.50 -0.80 -16.31
CA GLN A 89 -9.93 -0.58 -16.45
C GLN A 89 -10.57 -0.34 -15.10
N GLU A 90 -11.77 0.24 -15.14
CA GLU A 90 -12.54 0.46 -13.92
C GLU A 90 -12.98 -0.87 -13.34
N SER A 91 -13.17 -0.88 -12.02
CA SER A 91 -13.54 -2.06 -11.25
C SER A 91 -13.99 -1.57 -9.89
N PHE A 92 -14.55 -2.48 -9.09
CA PHE A 92 -14.70 -2.15 -7.68
C PHE A 92 -13.32 -2.18 -6.99
N THR A 93 -12.51 -3.17 -7.34
CA THR A 93 -11.17 -3.25 -6.79
C THR A 93 -10.37 -1.98 -7.05
N ARG A 94 -10.60 -1.32 -8.19
CA ARG A 94 -9.81 -0.12 -8.48
C ARG A 94 -10.27 1.07 -7.64
N GLN A 95 -11.59 1.21 -7.44
CA GLN A 95 -12.07 2.30 -6.60
C GLN A 95 -11.63 2.13 -5.16
N VAL A 96 -11.64 0.89 -4.66
CA VAL A 96 -11.17 0.64 -3.30
C VAL A 96 -9.73 1.11 -3.17
N LEU A 97 -8.84 0.60 -4.03
CA LEU A 97 -7.41 0.89 -3.89
C LEU A 97 -7.14 2.38 -4.08
N TRP A 98 -7.80 2.99 -5.07
CA TRP A 98 -7.55 4.40 -5.36
C TRP A 98 -8.03 5.29 -4.22
N LYS A 99 -9.21 4.99 -3.64
CA LYS A 99 -9.69 5.81 -2.53
C LYS A 99 -8.85 5.59 -1.29
N LEU A 100 -8.50 4.32 -1.00
CA LEU A 100 -7.63 4.02 0.13
C LEU A 100 -6.33 4.83 0.07
N LEU A 101 -5.81 5.02 -1.13
CA LEU A 101 -4.58 5.78 -1.30
C LEU A 101 -4.83 7.27 -1.10
N LYS A 102 -5.99 7.78 -1.47
CA LYS A 102 -6.17 9.22 -1.51
C LYS A 102 -6.52 9.82 -0.16
N VAL A 103 -7.12 9.05 0.76
CA VAL A 103 -7.75 9.60 1.95
C VAL A 103 -7.11 9.09 3.23
N VAL A 104 -6.72 7.82 3.28
CA VAL A 104 -6.14 7.23 4.49
C VAL A 104 -4.67 7.65 4.54
N LYS A 105 -4.36 8.63 5.38
CA LYS A 105 -3.02 9.20 5.41
C LYS A 105 -2.12 8.46 6.40
N PHE A 106 -0.86 8.86 6.42
CA PHE A 106 0.09 8.40 7.42
C PHE A 106 -0.43 8.69 8.82
N GLY A 107 -0.50 7.65 9.66
CA GLY A 107 -0.86 7.78 11.06
C GLY A 107 -2.30 7.45 11.37
N GLU A 108 -3.15 7.33 10.37
CA GLU A 108 -4.57 7.01 10.55
C GLU A 108 -4.84 5.57 10.20
N VAL A 109 -6.06 5.14 10.47
CA VAL A 109 -6.53 3.84 10.00
C VAL A 109 -7.99 3.96 9.60
N ILE A 110 -8.51 2.86 9.03
CA ILE A 110 -9.84 2.79 8.46
C ILE A 110 -10.33 1.36 8.65
N SER A 111 -11.58 1.20 9.06
CA SER A 111 -12.09 -0.15 9.15
C SER A 111 -12.42 -0.64 7.74
N TYR A 112 -12.38 -1.95 7.55
CA TYR A 112 -12.82 -2.50 6.28
C TYR A 112 -14.22 -2.01 5.94
N SER A 113 -15.16 -2.18 6.87
CA SER A 113 -16.54 -1.78 6.63
C SER A 113 -16.63 -0.32 6.18
N HIS A 114 -15.79 0.54 6.77
CA HIS A 114 -15.85 1.96 6.41
C HIS A 114 -15.17 2.23 5.07
N LEU A 115 -14.15 1.44 4.72
CA LEU A 115 -13.57 1.58 3.40
C LEU A 115 -14.58 1.20 2.32
N ALA A 116 -15.36 0.14 2.57
CA ALA A 116 -16.43 -0.22 1.64
C ALA A 116 -17.40 0.95 1.44
N ALA A 117 -17.81 1.60 2.53
CA ALA A 117 -18.66 2.78 2.41
C ALA A 117 -17.97 3.89 1.63
N LEU A 118 -16.67 4.07 1.86
CA LEU A 118 -15.93 5.12 1.17
C LEU A 118 -15.85 4.86 -0.32
N ALA A 119 -15.88 3.58 -0.72
CA ALA A 119 -15.81 3.17 -2.11
C ALA A 119 -17.18 3.04 -2.75
N GLY A 120 -18.23 3.57 -2.12
CA GLY A 120 -19.53 3.67 -2.74
C GLY A 120 -20.48 2.52 -2.47
N ASN A 121 -20.18 1.62 -1.54
CA ASN A 121 -21.08 0.52 -1.19
C ASN A 121 -20.85 0.09 0.24
N PRO A 122 -21.61 0.64 1.19
CA PRO A 122 -21.39 0.32 2.62
C PRO A 122 -21.60 -1.14 2.99
N ALA A 123 -22.08 -1.97 2.07
CA ALA A 123 -22.34 -3.38 2.36
C ALA A 123 -21.35 -4.31 1.66
N ALA A 124 -20.30 -3.78 1.04
CA ALA A 124 -19.37 -4.59 0.26
C ALA A 124 -18.09 -4.90 1.03
N THR A 125 -18.19 -5.05 2.35
CA THR A 125 -16.97 -5.25 3.15
C THR A 125 -16.20 -6.49 2.71
N ALA A 126 -16.90 -7.60 2.46
CA ALA A 126 -16.22 -8.81 1.99
C ALA A 126 -15.46 -8.54 0.70
N ALA A 127 -16.01 -7.69 -0.16
CA ALA A 127 -15.34 -7.38 -1.42
C ALA A 127 -14.14 -6.47 -1.20
N VAL A 128 -14.23 -5.55 -0.24
CA VAL A 128 -13.07 -4.75 0.13
C VAL A 128 -11.96 -5.66 0.63
N LYS A 129 -12.30 -6.62 1.49
CA LYS A 129 -11.31 -7.57 1.97
CA LYS A 129 -11.31 -7.58 1.97
C LYS A 129 -10.62 -8.26 0.80
N THR A 130 -11.38 -8.61 -0.23
CA THR A 130 -10.78 -9.32 -1.36
C THR A 130 -10.05 -8.35 -2.27
N ALA A 131 -10.60 -7.15 -2.47
CA ALA A 131 -9.89 -6.15 -3.25
C ALA A 131 -8.51 -5.89 -2.68
N LEU A 132 -8.41 -5.88 -1.36
CA LEU A 132 -7.13 -5.56 -0.73
C LEU A 132 -6.14 -6.71 -0.86
N SER A 133 -6.61 -7.95 -0.82
CA SER A 133 -5.71 -9.09 -0.92
C SER A 133 -4.97 -9.11 -2.25
N GLY A 134 -5.48 -8.40 -3.27
CA GLY A 134 -4.85 -8.32 -4.57
C GLY A 134 -4.25 -6.96 -4.84
N ASN A 135 -3.81 -6.29 -3.80
CA ASN A 135 -3.10 -5.02 -3.94
C ASN A 135 -1.71 -5.27 -4.50
N PRO A 136 -1.35 -4.70 -5.65
CA PRO A 136 -0.01 -4.97 -6.21
C PRO A 136 1.10 -4.15 -5.57
N VAL A 137 0.78 -3.05 -4.90
CA VAL A 137 1.82 -2.15 -4.38
C VAL A 137 1.57 -1.81 -2.92
N PRO A 138 1.91 -2.70 -2.00
CA PRO A 138 1.70 -2.40 -0.57
C PRO A 138 2.45 -1.16 -0.11
N ILE A 139 1.96 -0.60 1.00
CA ILE A 139 2.45 0.62 1.64
C ILE A 139 2.13 1.82 0.77
N LEU A 140 2.60 1.83 -0.49
CA LEU A 140 2.21 2.91 -1.39
C LEU A 140 0.70 3.04 -1.37
N ILE A 141 0.00 1.96 -1.68
CA ILE A 141 -1.41 1.81 -1.37
C ILE A 141 -1.49 1.25 0.05
N PRO A 142 -1.89 2.05 1.06
CA PRO A 142 -1.70 1.63 2.46
C PRO A 142 -2.67 0.55 2.93
N CYS A 143 -2.51 -0.67 2.40
CA CYS A 143 -3.42 -1.75 2.81
CA CYS A 143 -3.37 -1.77 2.78
C CYS A 143 -3.26 -2.08 4.28
N HIS A 144 -2.12 -1.73 4.89
CA HIS A 144 -1.86 -2.01 6.29
C HIS A 144 -2.62 -1.08 7.24
N ARG A 145 -3.21 0.01 6.73
CA ARG A 145 -4.00 0.92 7.53
C ARG A 145 -5.47 0.54 7.53
N VAL A 146 -5.82 -0.62 7.01
CA VAL A 146 -7.19 -1.07 6.97
C VAL A 146 -7.33 -2.15 8.03
N VAL A 147 -8.00 -1.81 9.12
CA VAL A 147 -8.10 -2.66 10.29
C VAL A 147 -9.52 -3.18 10.39
N GLN A 148 -9.71 -4.09 11.32
CA GLN A 148 -11.00 -4.72 11.51
C GLN A 148 -11.91 -3.90 12.41
N GLY A 149 -11.34 -3.23 13.40
CA GLY A 149 -12.15 -2.50 14.36
C GLY A 149 -11.25 -1.67 15.24
N ASP A 150 -11.88 -0.89 16.12
CA ASP A 150 -11.12 0.04 16.94
C ASP A 150 -10.04 -0.67 17.76
N LEU A 151 -10.29 -1.91 18.17
CA LEU A 151 -9.36 -2.65 19.00
C LEU A 151 -8.77 -3.86 18.31
N ASP A 152 -9.19 -4.14 17.08
CA ASP A 152 -8.71 -5.32 16.36
C ASP A 152 -8.08 -4.85 15.07
N VAL A 153 -6.78 -5.11 14.93
CA VAL A 153 -6.05 -4.61 13.77
C VAL A 153 -6.33 -5.47 12.55
N GLY A 154 -6.84 -6.67 12.73
CA GLY A 154 -7.12 -7.55 11.61
C GLY A 154 -5.87 -8.24 11.10
N GLY A 155 -6.05 -8.97 10.01
CA GLY A 155 -4.96 -9.68 9.38
C GLY A 155 -4.17 -8.75 8.48
N TYR A 156 -3.22 -9.36 7.77
CA TYR A 156 -2.41 -8.65 6.80
C TYR A 156 -1.82 -9.68 5.84
N GLU A 157 -1.88 -9.38 4.54
CA GLU A 157 -1.37 -10.33 3.57
C GLU A 157 0.15 -10.30 3.49
N GLY A 158 0.78 -9.26 4.03
CA GLY A 158 2.21 -9.25 4.23
C GLY A 158 2.69 -9.93 5.50
N GLY A 159 1.76 -10.37 6.36
CA GLY A 159 2.11 -10.92 7.65
C GLY A 159 1.75 -9.98 8.78
N LEU A 160 1.06 -10.48 9.81
CA LEU A 160 0.52 -9.57 10.82
C LEU A 160 1.61 -8.71 11.46
N ALA A 161 2.74 -9.32 11.80
CA ALA A 161 3.82 -8.56 12.42
C ALA A 161 4.26 -7.39 11.55
N VAL A 162 4.23 -7.55 10.22
CA VAL A 162 4.54 -6.45 9.32
C VAL A 162 3.55 -5.30 9.53
N LYS A 163 2.26 -5.62 9.52
CA LYS A 163 1.23 -4.61 9.75
C LYS A 163 1.47 -3.88 11.06
N GLU A 164 1.63 -4.64 12.15
CA GLU A 164 1.89 -4.03 13.45
C GLU A 164 3.17 -3.22 13.46
N TRP A 165 4.19 -3.70 12.74
CA TRP A 165 5.41 -2.93 12.59
C TRP A 165 5.12 -1.59 11.91
N LEU A 166 4.48 -1.65 10.75
CA LEU A 166 4.21 -0.43 9.97
C LEU A 166 3.36 0.56 10.77
N LEU A 167 2.35 0.06 11.49
CA LEU A 167 1.52 0.97 12.27
C LEU A 167 2.28 1.54 13.47
N ALA A 168 3.18 0.74 14.06
CA ALA A 168 4.06 1.26 15.11
C ALA A 168 5.05 2.26 14.53
N HIS A 169 5.50 2.02 13.30
CA HIS A 169 6.35 2.99 12.61
C HIS A 169 5.65 4.33 12.44
N GLU A 170 4.32 4.31 12.22
CA GLU A 170 3.52 5.51 12.06
C GLU A 170 2.91 6.01 13.37
N GLY A 171 3.28 5.38 14.50
CA GLY A 171 2.87 5.88 15.79
C GLY A 171 1.47 5.50 16.17
N HIS A 172 0.87 4.53 15.51
CA HIS A 172 -0.52 4.25 15.81
C HIS A 172 -0.61 3.30 17.00
N ARG A 173 -1.69 3.48 17.76
CA ARG A 173 -1.87 2.76 19.01
C ARG A 173 -2.04 1.27 18.80
N LEU A 174 -2.37 0.82 17.59
CA LEU A 174 -2.46 -0.60 17.32
C LEU A 174 -1.18 -1.18 16.74
N GLY A 175 -0.08 -0.43 16.78
CA GLY A 175 1.19 -0.95 16.34
C GLY A 175 1.91 -1.72 17.43
N LYS A 176 2.73 -2.69 16.99
CA LYS A 176 3.47 -3.54 17.90
C LYS A 176 4.80 -3.91 17.24
N ARG A 177 5.88 -3.29 17.71
CA ARG A 177 7.22 -3.56 17.20
C ARG A 177 8.02 -4.50 18.10
#